data_9E5F
#
_entry.id   9E5F
#
_cell.length_a   40.175
_cell.length_b   53.63
_cell.length_c   90.206
_cell.angle_alpha   90
_cell.angle_beta   90
_cell.angle_gamma   90
#
_symmetry.space_group_name_H-M   'P 21 21 21'
#
loop_
_entity.id
_entity.type
_entity.pdbx_description
1 polymer 'GTPase KRas'
2 non-polymer "GUANOSINE-5'-DIPHOSPHATE"
3 non-polymer (4P)-4-{1-[(1R,4R,5S)-2-azabicyclo[2.1.1]hexan-5-yl]-8-chloro-4-[3-(dimethylamino)azetidin-1-yl]-6-fluoro-1H-imidazo[4,5-c]quinolin-7-yl}naphthalen-2-ol
4 non-polymer 'MAGNESIUM ION'
5 water water
#
_entity_poly.entity_id   1
_entity_poly.type   'polypeptide(L)'
_entity_poly.pdbx_seq_one_letter_code
;GMTEYKLVVVGADGVGKSALTIQLIQNHFVDEYDPTIEDSYRKQVVIDGETCLLDILDTAGQEEYSAMRDQYMRTGEGFL
CVFAINNTKSFEDIHHYREQIKRVKDSEDVPMVLVGNKCDLPSRTVDTKQAQDLARSYGIPFIETSAKTRQGVDDAFYTL
VREIRKHKEK
;
_entity_poly.pdbx_strand_id   A
#
loop_
_chem_comp.id
_chem_comp.type
_chem_comp.name
_chem_comp.formula
A1BEJ non-polymer (4P)-4-{1-[(1R,4R,5S)-2-azabicyclo[2.1.1]hexan-5-yl]-8-chloro-4-[3-(dimethylamino)azetidin-1-yl]-6-fluoro-1H-imidazo[4,5-c]quinolin-7-yl}naphthalen-2-ol 'C30 H28 Cl F N6 O'
GDP RNA linking GUANOSINE-5'-DIPHOSPHATE 'C10 H15 N5 O11 P2'
MG non-polymer 'MAGNESIUM ION' 'Mg 2'
#
# COMPACT_ATOMS: atom_id res chain seq x y z
N GLY A 1 -15.44 -18.48 7.78
CA GLY A 1 -16.39 -17.51 7.19
C GLY A 1 -15.85 -16.91 5.89
N MET A 2 -16.43 -15.77 5.50
CA MET A 2 -15.92 -15.01 4.37
C MET A 2 -14.46 -14.61 4.61
N THR A 3 -13.58 -14.77 3.60
CA THR A 3 -12.17 -14.46 3.80
C THR A 3 -11.98 -12.93 3.97
N GLU A 4 -11.25 -12.59 5.02
CA GLU A 4 -10.82 -11.24 5.29
C GLU A 4 -9.34 -11.17 4.95
N TYR A 5 -8.95 -10.03 4.37
CA TYR A 5 -7.57 -9.71 4.09
C TYR A 5 -7.24 -8.40 4.82
N LYS A 6 -6.21 -8.45 5.68
CA LYS A 6 -5.77 -7.27 6.42
C LYS A 6 -4.62 -6.61 5.65
N LEU A 7 -4.93 -5.46 5.04
CA LEU A 7 -3.99 -4.74 4.21
C LEU A 7 -3.53 -3.49 4.92
N VAL A 8 -2.26 -3.16 4.83
CA VAL A 8 -1.72 -1.99 5.49
C VAL A 8 -1.03 -1.13 4.42
N VAL A 9 -1.38 0.17 4.40
CA VAL A 9 -0.82 1.13 3.46
C VAL A 9 0.24 1.95 4.18
N VAL A 10 1.50 1.84 3.71
CA VAL A 10 2.63 2.50 4.32
C VAL A 10 3.32 3.38 3.30
N GLY A 11 4.11 4.32 3.84
CA GLY A 11 4.83 5.26 3.03
C GLY A 11 4.95 6.62 3.70
N ALA A 12 5.78 7.49 3.13
CA ALA A 12 6.02 8.81 3.67
C ALA A 12 4.74 9.63 3.73
N ASP A 13 4.74 10.61 4.62
CA ASP A 13 3.68 11.60 4.61
C ASP A 13 3.55 12.23 3.21
N GLY A 14 2.31 12.45 2.78
CA GLY A 14 2.04 13.20 1.57
C GLY A 14 2.06 12.42 0.26
N VAL A 15 2.28 11.12 0.31
CA VAL A 15 2.37 10.34 -0.89
C VAL A 15 1.00 10.00 -1.48
N GLY A 16 -0.06 10.08 -0.69
CA GLY A 16 -1.41 9.77 -1.12
C GLY A 16 -2.00 8.50 -0.51
N LYS A 17 -1.52 8.07 0.67
CA LYS A 17 -2.07 6.89 1.31
C LYS A 17 -3.56 7.06 1.61
N SER A 18 -3.91 8.18 2.19
CA SER A 18 -5.30 8.45 2.53
C SER A 18 -6.15 8.60 1.27
N ALA A 19 -5.63 9.31 0.28
CA ALA A 19 -6.40 9.51 -0.95
C ALA A 19 -6.65 8.16 -1.65
N LEU A 20 -5.64 7.28 -1.70
CA LEU A 20 -5.82 5.94 -2.28
C LEU A 20 -6.85 5.13 -1.51
N THR A 21 -6.75 5.15 -0.20
CA THR A 21 -7.67 4.41 0.65
C THR A 21 -9.11 4.89 0.45
N ILE A 22 -9.30 6.22 0.48
CA ILE A 22 -10.63 6.79 0.31
C ILE A 22 -11.19 6.55 -1.08
N GLN A 23 -10.34 6.51 -2.11
CA GLN A 23 -10.86 6.12 -3.41
C GLN A 23 -11.40 4.69 -3.36
N LEU A 24 -10.66 3.76 -2.72
CA LEU A 24 -11.16 2.38 -2.68
C LEU A 24 -12.46 2.28 -1.85
N ILE A 25 -12.50 2.96 -0.70
CA ILE A 25 -13.57 2.76 0.26
C ILE A 25 -14.82 3.56 -0.15
N GLN A 26 -14.62 4.82 -0.59
CA GLN A 26 -15.72 5.79 -0.69
C GLN A 26 -15.84 6.31 -2.13
N ASN A 27 -15.00 5.88 -3.10
CA ASN A 27 -15.16 6.15 -4.53
C ASN A 27 -15.12 7.63 -4.90
N HIS A 28 -14.28 8.42 -4.25
CA HIS A 28 -14.01 9.77 -4.70
C HIS A 28 -12.63 10.20 -4.23
N PHE A 29 -12.14 11.25 -4.90
CA PHE A 29 -10.90 11.88 -4.56
C PHE A 29 -11.15 12.90 -3.47
N VAL A 30 -10.52 12.70 -2.29
CA VAL A 30 -10.51 13.67 -1.18
C VAL A 30 -9.13 14.34 -1.13
N ASP A 31 -9.09 15.66 -1.33
CA ASP A 31 -7.88 16.48 -1.14
C ASP A 31 -7.66 16.82 0.36
N GLU A 32 -6.38 16.94 0.78
CA GLU A 32 -5.96 17.46 2.09
C GLU A 32 -6.70 16.81 3.28
N TYR A 33 -6.88 15.46 3.26
CA TYR A 33 -7.41 14.68 4.39
C TYR A 33 -6.42 14.79 5.53
N ASP A 34 -6.89 15.02 6.79
CA ASP A 34 -6.05 15.33 7.93
C ASP A 34 -4.81 14.43 7.92
N PRO A 35 -3.60 15.00 7.70
CA PRO A 35 -2.40 14.18 7.53
C PRO A 35 -2.07 13.33 8.73
N THR A 36 -2.60 13.68 9.93
CA THR A 36 -2.24 13.05 11.18
C THR A 36 -3.07 11.81 11.51
N ILE A 37 -4.18 11.56 10.82
CA ILE A 37 -5.18 10.56 11.23
C ILE A 37 -4.87 9.21 10.63
N GLU A 38 -4.63 8.25 11.56
CA GLU A 38 -4.46 6.86 11.22
C GLU A 38 -5.78 6.16 11.52
N ASP A 39 -6.33 5.46 10.55
CA ASP A 39 -7.66 4.86 10.68
C ASP A 39 -7.72 3.64 9.79
N SER A 40 -8.74 2.82 10.01
N SER A 40 -8.74 2.80 10.03
CA SER A 40 -8.95 1.65 9.18
CA SER A 40 -8.97 1.56 9.29
C SER A 40 -10.40 1.54 8.75
C SER A 40 -10.39 1.56 8.74
N TYR A 41 -10.56 0.93 7.60
CA TYR A 41 -11.82 0.85 6.90
C TYR A 41 -11.98 -0.52 6.27
N ARG A 42 -13.20 -1.05 6.25
CA ARG A 42 -13.44 -2.34 5.62
C ARG A 42 -14.33 -2.12 4.42
N LYS A 43 -14.10 -2.94 3.39
CA LYS A 43 -15.02 -3.02 2.28
C LYS A 43 -15.12 -4.44 1.73
N GLN A 44 -16.34 -4.79 1.35
CA GLN A 44 -16.60 -6.08 0.72
C GLN A 44 -16.49 -5.91 -0.79
N VAL A 45 -15.70 -6.79 -1.41
CA VAL A 45 -15.46 -6.75 -2.86
C VAL A 45 -15.37 -8.18 -3.36
N VAL A 46 -15.51 -8.34 -4.68
CA VAL A 46 -15.33 -9.61 -5.35
C VAL A 46 -14.07 -9.46 -6.18
N ILE A 47 -13.06 -10.31 -5.95
CA ILE A 47 -11.80 -10.31 -6.69
C ILE A 47 -11.61 -11.71 -7.25
N ASP A 48 -11.58 -11.81 -8.58
CA ASP A 48 -11.42 -13.09 -9.26
C ASP A 48 -12.45 -14.10 -8.77
N GLY A 49 -13.71 -13.64 -8.62
CA GLY A 49 -14.79 -14.48 -8.20
C GLY A 49 -14.92 -14.77 -6.72
N GLU A 50 -13.94 -14.34 -5.90
CA GLU A 50 -13.99 -14.57 -4.45
C GLU A 50 -14.59 -13.31 -3.80
N THR A 51 -15.66 -13.51 -3.03
CA THR A 51 -16.21 -12.46 -2.20
C THR A 51 -15.35 -12.44 -0.95
N CYS A 52 -14.80 -11.27 -0.67
CA CYS A 52 -13.92 -11.10 0.47
C CYS A 52 -14.07 -9.70 1.06
N LEU A 53 -13.50 -9.56 2.24
CA LEU A 53 -13.51 -8.35 3.04
C LEU A 53 -12.09 -7.82 3.02
N LEU A 54 -11.91 -6.56 2.65
CA LEU A 54 -10.62 -5.90 2.72
C LEU A 54 -10.66 -4.95 3.91
N ASP A 55 -9.83 -5.20 4.91
CA ASP A 55 -9.64 -4.28 6.03
CA ASP A 55 -9.62 -4.33 6.03
C ASP A 55 -8.35 -3.53 5.77
N ILE A 56 -8.47 -2.23 5.57
CA ILE A 56 -7.34 -1.40 5.16
C ILE A 56 -6.94 -0.44 6.25
N LEU A 57 -5.71 -0.54 6.70
CA LEU A 57 -5.10 0.36 7.65
C LEU A 57 -4.34 1.44 6.89
N ASP A 58 -4.81 2.69 7.04
CA ASP A 58 -4.23 3.88 6.42
C ASP A 58 -3.33 4.54 7.49
N THR A 59 -2.01 4.38 7.37
CA THR A 59 -1.11 4.78 8.41
C THR A 59 -0.86 6.28 8.41
N ALA A 60 -0.54 6.81 9.60
CA ALA A 60 -0.27 8.23 9.78
C ALA A 60 0.42 8.43 11.12
N GLY A 61 0.98 9.62 11.32
CA GLY A 61 1.53 10.05 12.60
C GLY A 61 3.04 10.11 12.60
N GLN A 62 3.60 10.14 13.81
CA GLN A 62 5.02 10.32 13.97
C GLN A 62 5.76 9.01 13.78
N GLU A 63 7.05 9.14 13.43
CA GLU A 63 7.95 8.00 13.43
C GLU A 63 8.21 7.62 14.88
N GLU A 64 7.77 6.43 15.28
CA GLU A 64 7.95 5.90 16.64
C GLU A 64 7.92 4.38 16.57
N TYR A 65 8.61 3.69 17.48
CA TYR A 65 8.88 2.26 17.43
C TYR A 65 8.54 1.48 18.69
N SER A 66 7.35 1.57 19.16
CA SER A 66 6.96 0.85 20.38
C SER A 66 6.64 -0.64 20.09
N ALA A 67 6.50 -1.42 21.18
CA ALA A 67 6.03 -2.79 21.16
C ALA A 67 4.59 -2.84 20.62
N MET A 68 3.76 -1.86 21.06
CA MET A 68 2.38 -1.75 20.59
C MET A 68 2.33 -1.52 19.08
N ARG A 69 3.16 -0.61 18.58
CA ARG A 69 3.25 -0.40 17.13
C ARG A 69 3.65 -1.67 16.39
N ASP A 70 4.72 -2.33 16.85
CA ASP A 70 5.16 -3.56 16.20
C ASP A 70 4.06 -4.62 16.16
N GLN A 71 3.32 -4.79 17.26
CA GLN A 71 2.23 -5.76 17.34
C GLN A 71 1.13 -5.43 16.35
N TYR A 72 0.78 -4.14 16.24
CA TYR A 72 -0.28 -3.72 15.34
C TYR A 72 0.13 -3.90 13.88
N MET A 73 1.38 -3.55 13.54
CA MET A 73 1.85 -3.73 12.16
C MET A 73 1.96 -5.20 11.78
N ARG A 74 2.27 -6.08 12.74
CA ARG A 74 2.38 -7.50 12.50
C ARG A 74 1.02 -8.14 12.15
N THR A 75 -0.10 -7.48 12.50
CA THR A 75 -1.43 -7.96 12.12
C THR A 75 -1.64 -7.87 10.61
N GLY A 76 -0.88 -7.03 9.90
CA GLY A 76 -1.03 -6.89 8.47
C GLY A 76 -0.59 -8.15 7.74
N GLU A 77 -1.41 -8.57 6.78
CA GLU A 77 -1.13 -9.73 5.94
C GLU A 77 -0.45 -9.34 4.65
N GLY A 78 -0.66 -8.12 4.19
CA GLY A 78 -0.02 -7.58 3.02
C GLY A 78 0.09 -6.08 3.12
N PHE A 79 1.11 -5.54 2.46
CA PHE A 79 1.50 -4.14 2.59
C PHE A 79 1.57 -3.47 1.23
N LEU A 80 0.86 -2.34 1.07
N LEU A 80 0.92 -2.32 1.12
CA LEU A 80 1.11 -1.43 -0.03
CA LEU A 80 1.07 -1.47 -0.04
C LEU A 80 2.20 -0.49 0.44
C LEU A 80 2.09 -0.40 0.31
N CYS A 81 3.27 -0.46 -0.33
CA CYS A 81 4.40 0.44 -0.07
C CYS A 81 4.31 1.56 -1.08
N VAL A 82 3.87 2.73 -0.61
CA VAL A 82 3.52 3.82 -1.52
C VAL A 82 4.58 4.90 -1.50
N PHE A 83 4.97 5.34 -2.70
CA PHE A 83 5.73 6.57 -2.88
C PHE A 83 4.98 7.44 -3.88
N ALA A 84 5.42 8.70 -4.02
CA ALA A 84 4.87 9.58 -5.04
C ALA A 84 5.90 9.80 -6.12
N ILE A 85 5.47 9.78 -7.38
CA ILE A 85 6.39 9.84 -8.52
CA ILE A 85 6.42 9.82 -8.51
C ILE A 85 7.08 11.19 -8.66
N ASN A 86 6.55 12.22 -7.98
CA ASN A 86 7.14 13.56 -7.96
C ASN A 86 8.02 13.82 -6.74
N ASN A 87 8.31 12.79 -5.91
CA ASN A 87 8.99 12.97 -4.63
C ASN A 87 10.04 11.88 -4.48
N THR A 88 11.29 12.20 -4.81
CA THR A 88 12.36 11.19 -4.79
C THR A 88 12.59 10.71 -3.35
N LYS A 89 12.53 11.59 -2.37
CA LYS A 89 12.73 11.19 -0.98
C LYS A 89 11.70 10.12 -0.57
N SER A 90 10.45 10.23 -1.04
CA SER A 90 9.45 9.22 -0.71
C SER A 90 9.83 7.86 -1.31
N PHE A 91 10.44 7.84 -2.50
CA PHE A 91 10.94 6.62 -3.12
C PHE A 91 12.09 6.02 -2.32
N GLU A 92 13.03 6.87 -1.92
CA GLU A 92 14.17 6.42 -1.13
C GLU A 92 13.74 5.85 0.22
N ASP A 93 12.61 6.32 0.78
CA ASP A 93 12.08 5.79 2.04
C ASP A 93 11.53 4.38 1.95
N ILE A 94 11.25 3.86 0.75
CA ILE A 94 10.65 2.54 0.62
C ILE A 94 11.50 1.45 1.28
N HIS A 95 12.82 1.50 1.11
CA HIS A 95 13.67 0.48 1.71
C HIS A 95 13.40 0.33 3.21
N HIS A 96 13.32 1.47 3.91
CA HIS A 96 13.09 1.44 5.34
C HIS A 96 11.78 0.76 5.66
N TYR A 97 10.69 1.15 4.99
CA TYR A 97 9.41 0.51 5.27
C TYR A 97 9.45 -1.00 5.02
N ARG A 98 10.07 -1.41 3.91
CA ARG A 98 10.18 -2.83 3.63
C ARG A 98 10.95 -3.57 4.73
N GLU A 99 12.05 -2.96 5.21
CA GLU A 99 12.81 -3.60 6.27
C GLU A 99 12.04 -3.68 7.59
N GLN A 100 11.26 -2.65 7.93
CA GLN A 100 10.49 -2.68 9.16
C GLN A 100 9.38 -3.73 9.08
N ILE A 101 8.76 -3.87 7.90
CA ILE A 101 7.75 -4.89 7.66
C ILE A 101 8.36 -6.29 7.87
N LYS A 102 9.51 -6.56 7.21
CA LYS A 102 10.17 -7.84 7.38
C LYS A 102 10.55 -8.10 8.85
N ARG A 103 10.95 -7.03 9.57
CA ARG A 103 11.35 -7.17 10.97
C ARG A 103 10.15 -7.63 11.83
N VAL A 104 9.00 -6.93 11.71
CA VAL A 104 7.84 -7.22 12.57
C VAL A 104 7.18 -8.54 12.16
N LYS A 105 7.19 -8.89 10.87
CA LYS A 105 6.60 -10.13 10.38
C LYS A 105 7.55 -11.31 10.59
N ASP A 106 8.84 -11.06 10.90
CA ASP A 106 9.86 -12.07 11.14
C ASP A 106 9.94 -13.01 9.93
N SER A 107 10.00 -12.40 8.73
CA SER A 107 9.96 -13.15 7.49
C SER A 107 10.62 -12.34 6.40
N GLU A 108 11.35 -13.05 5.55
CA GLU A 108 11.89 -12.52 4.31
C GLU A 108 10.83 -12.43 3.21
N ASP A 109 9.67 -13.10 3.36
CA ASP A 109 8.67 -13.23 2.33
C ASP A 109 7.34 -12.73 2.89
N VAL A 110 7.09 -11.44 2.75
CA VAL A 110 5.85 -10.81 3.16
C VAL A 110 5.16 -10.28 1.91
N PRO A 111 3.87 -10.56 1.70
CA PRO A 111 3.16 -9.97 0.57
C PRO A 111 3.22 -8.45 0.56
N MET A 112 3.65 -7.89 -0.55
CA MET A 112 3.83 -6.47 -0.71
C MET A 112 3.65 -6.10 -2.17
N VAL A 113 3.22 -4.85 -2.41
CA VAL A 113 3.17 -4.24 -3.73
C VAL A 113 3.78 -2.86 -3.64
N LEU A 114 4.63 -2.52 -4.59
CA LEU A 114 5.20 -1.18 -4.69
C LEU A 114 4.24 -0.31 -5.51
N VAL A 115 3.85 0.84 -4.97
CA VAL A 115 2.89 1.73 -5.62
C VAL A 115 3.54 3.09 -5.83
N GLY A 116 3.56 3.54 -7.09
CA GLY A 116 3.99 4.87 -7.44
C GLY A 116 2.77 5.73 -7.72
N ASN A 117 2.39 6.56 -6.75
CA ASN A 117 1.20 7.35 -6.82
C ASN A 117 1.47 8.73 -7.42
N LYS A 118 0.39 9.44 -7.77
CA LYS A 118 0.41 10.77 -8.37
C LYS A 118 0.86 10.73 -9.84
N CYS A 119 0.52 9.64 -10.56
CA CYS A 119 0.98 9.48 -11.92
CA CYS A 119 0.96 9.49 -11.93
C CYS A 119 0.25 10.43 -12.90
N ASP A 120 -0.77 11.16 -12.42
CA ASP A 120 -1.42 12.20 -13.20
C ASP A 120 -0.55 13.45 -13.33
N LEU A 121 0.46 13.64 -12.46
CA LEU A 121 1.26 14.85 -12.43
C LEU A 121 2.29 14.87 -13.54
N PRO A 122 2.57 16.05 -14.14
CA PRO A 122 3.74 16.19 -15.03
C PRO A 122 5.13 16.25 -14.38
N SER A 123 5.19 16.53 -13.07
CA SER A 123 6.40 16.92 -12.37
C SER A 123 7.14 15.65 -11.85
N ARG A 124 7.39 14.65 -12.74
CA ARG A 124 7.87 13.32 -12.30
C ARG A 124 9.40 13.38 -12.11
N THR A 125 9.88 12.90 -10.96
CA THR A 125 11.31 12.76 -10.67
C THR A 125 11.70 11.30 -10.56
N VAL A 126 10.76 10.37 -10.34
CA VAL A 126 11.08 8.94 -10.25
C VAL A 126 10.56 8.26 -11.51
N ASP A 127 11.46 7.76 -12.36
CA ASP A 127 11.02 7.17 -13.61
C ASP A 127 10.46 5.77 -13.34
N THR A 128 9.64 5.34 -14.30
CA THR A 128 8.98 4.04 -14.24
C THR A 128 10.03 2.93 -14.15
N LYS A 129 11.13 3.03 -14.91
CA LYS A 129 12.19 2.04 -14.84
C LYS A 129 12.86 1.91 -13.47
N GLN A 130 13.18 3.03 -12.79
CA GLN A 130 13.78 2.98 -11.45
C GLN A 130 12.89 2.17 -10.50
N ALA A 131 11.57 2.41 -10.58
CA ALA A 131 10.63 1.74 -9.70
C ALA A 131 10.48 0.26 -10.06
N GLN A 132 10.41 -0.02 -11.37
CA GLN A 132 10.36 -1.41 -11.81
C GLN A 132 11.60 -2.18 -11.35
N ASP A 133 12.79 -1.54 -11.41
CA ASP A 133 14.04 -2.18 -10.98
C ASP A 133 14.00 -2.45 -9.48
N LEU A 134 13.52 -1.50 -8.69
CA LEU A 134 13.43 -1.71 -7.25
C LEU A 134 12.49 -2.88 -6.95
N ALA A 135 11.31 -2.86 -7.56
CA ALA A 135 10.33 -3.93 -7.33
C ALA A 135 10.92 -5.29 -7.72
N ARG A 136 11.64 -5.35 -8.85
CA ARG A 136 12.27 -6.60 -9.26
C ARG A 136 13.26 -7.06 -8.21
N SER A 137 14.03 -6.14 -7.64
CA SER A 137 15.03 -6.50 -6.62
C SER A 137 14.37 -7.10 -5.37
N TYR A 138 13.12 -6.74 -5.10
CA TYR A 138 12.34 -7.23 -3.97
C TYR A 138 11.47 -8.41 -4.33
N GLY A 139 11.34 -8.73 -5.63
CA GLY A 139 10.47 -9.83 -6.04
C GLY A 139 8.98 -9.51 -5.87
N ILE A 140 8.60 -8.24 -6.05
CA ILE A 140 7.23 -7.80 -5.84
C ILE A 140 6.68 -7.07 -7.05
N PRO A 141 5.35 -6.97 -7.22
CA PRO A 141 4.80 -6.16 -8.30
C PRO A 141 4.97 -4.65 -8.05
N PHE A 142 5.00 -3.90 -9.15
CA PHE A 142 4.97 -2.45 -9.18
C PHE A 142 3.73 -2.00 -9.96
N ILE A 143 2.98 -1.07 -9.40
CA ILE A 143 1.80 -0.50 -10.03
C ILE A 143 1.85 1.02 -9.88
N GLU A 144 1.61 1.76 -10.96
CA GLU A 144 1.44 3.19 -10.95
C GLU A 144 -0.04 3.53 -10.74
N THR A 145 -0.29 4.53 -9.90
CA THR A 145 -1.64 4.92 -9.55
C THR A 145 -1.77 6.44 -9.59
N SER A 146 -3.03 6.87 -9.72
CA SER A 146 -3.43 8.23 -9.39
C SER A 146 -4.67 8.11 -8.53
N ALA A 147 -4.57 8.54 -7.27
CA ALA A 147 -5.76 8.67 -6.45
C ALA A 147 -6.69 9.77 -6.99
N LYS A 148 -6.13 10.75 -7.72
CA LYS A 148 -6.91 11.86 -8.30
C LYS A 148 -7.88 11.34 -9.35
N THR A 149 -7.39 10.56 -10.31
CA THR A 149 -8.21 10.09 -11.42
C THR A 149 -8.77 8.70 -11.21
N ARG A 150 -8.30 7.98 -10.18
CA ARG A 150 -8.57 6.59 -9.86
C ARG A 150 -7.78 5.61 -10.73
N GLN A 151 -6.86 6.07 -11.61
CA GLN A 151 -6.05 5.14 -12.38
C GLN A 151 -5.30 4.19 -11.43
N GLY A 152 -5.44 2.88 -11.71
CA GLY A 152 -4.65 1.87 -11.04
C GLY A 152 -5.07 1.55 -9.63
N VAL A 153 -6.07 2.22 -9.04
CA VAL A 153 -6.36 2.04 -7.61
C VAL A 153 -6.83 0.60 -7.32
N ASP A 154 -7.86 0.14 -8.02
CA ASP A 154 -8.33 -1.20 -7.79
C ASP A 154 -7.22 -2.20 -8.08
N ASP A 155 -6.45 -1.96 -9.16
CA ASP A 155 -5.35 -2.86 -9.52
CA ASP A 155 -5.40 -2.90 -9.49
C ASP A 155 -4.35 -2.99 -8.37
N ALA A 156 -3.99 -1.88 -7.74
CA ALA A 156 -3.02 -1.93 -6.67
C ALA A 156 -3.51 -2.83 -5.54
N PHE A 157 -4.72 -2.57 -5.05
CA PHE A 157 -5.25 -3.35 -3.93
C PHE A 157 -5.49 -4.81 -4.30
N TYR A 158 -6.07 -5.05 -5.47
CA TYR A 158 -6.38 -6.42 -5.89
C TYR A 158 -5.11 -7.21 -6.16
N THR A 159 -4.08 -6.54 -6.70
CA THR A 159 -2.80 -7.24 -6.88
C THR A 159 -2.23 -7.68 -5.52
N LEU A 160 -2.39 -6.82 -4.50
CA LEU A 160 -1.91 -7.19 -3.17
C LEU A 160 -2.66 -8.41 -2.63
N VAL A 161 -3.98 -8.46 -2.83
CA VAL A 161 -4.75 -9.64 -2.42
C VAL A 161 -4.22 -10.88 -3.15
N ARG A 162 -3.92 -10.76 -4.46
CA ARG A 162 -3.38 -11.91 -5.19
C ARG A 162 -2.03 -12.33 -4.64
N GLU A 163 -1.20 -11.38 -4.20
CA GLU A 163 0.08 -11.71 -3.56
C GLU A 163 -0.12 -12.46 -2.26
N ILE A 164 -1.13 -12.07 -1.48
CA ILE A 164 -1.46 -12.79 -0.27
C ILE A 164 -1.87 -14.22 -0.59
N ARG A 165 -2.77 -14.39 -1.57
CA ARG A 165 -3.22 -15.74 -1.93
C ARG A 165 -2.04 -16.61 -2.35
N LYS A 166 -1.10 -16.04 -3.12
CA LYS A 166 0.07 -16.83 -3.53
C LYS A 166 0.89 -17.24 -2.31
N HIS A 167 1.03 -16.32 -1.35
CA HIS A 167 1.78 -16.64 -0.12
C HIS A 167 1.14 -17.77 0.67
N LYS A 168 -0.19 -17.79 0.72
CA LYS A 168 -0.89 -18.82 1.49
C LYS A 168 -0.70 -20.22 0.89
N GLU A 169 -0.45 -20.29 -0.44
CA GLU A 169 -0.26 -21.59 -1.09
CA GLU A 169 -0.19 -21.49 -1.22
C GLU A 169 1.16 -22.12 -0.96
N LYS A 170 2.14 -21.30 -0.54
CA LYS A 170 3.52 -21.76 -0.40
C LYS A 170 3.63 -22.88 0.69
PB GDP B . -0.89 10.74 2.95
O1B GDP B . 0.01 9.71 2.38
O2B GDP B . -0.18 11.74 3.86
O3B GDP B . -2.15 10.21 3.56
O3A GDP B . -1.33 11.61 1.62
PA GDP B . -2.71 12.33 1.29
O1A GDP B . -3.71 11.38 0.80
O2A GDP B . -3.05 13.21 2.45
O5' GDP B . -2.29 13.23 0.04
C5' GDP B . -1.32 14.28 0.17
C4' GDP B . -1.60 15.38 -0.85
O4' GDP B . -1.41 14.87 -2.20
C3' GDP B . -3.02 15.93 -0.86
O3' GDP B . -2.99 17.32 -1.21
C2' GDP B . -3.75 15.13 -1.94
O2' GDP B . -4.84 15.79 -2.53
C1' GDP B . -2.62 14.94 -2.94
N9 GDP B . -2.75 13.72 -3.71
C8 GDP B . -2.88 12.45 -3.24
N7 GDP B . -2.92 11.55 -4.18
C5 GDP B . -2.81 12.29 -5.35
C6 GDP B . -2.73 11.85 -6.71
O6 GDP B . -2.75 10.69 -7.14
N1 GDP B . -2.55 12.93 -7.58
C2 GDP B . -2.49 14.24 -7.20
N2 GDP B . -2.35 15.11 -8.18
N3 GDP B . -2.57 14.64 -5.95
C4 GDP B . -2.68 13.62 -5.07
C1 A1BEJ C . 14.83 7.79 9.68
O1 A1BEJ C . 7.66 0.08 15.21
N2 A1BEJ C . 10.86 7.06 8.57
C2 A1BEJ C . 13.85 9.94 9.12
C3 A1BEJ C . 12.77 7.90 8.34
N1 A1BEJ C . 13.55 8.53 9.43
C4 A1BEJ C . 11.31 8.41 8.18
C5 A1BEJ C . 12.23 6.53 8.66
C6 A1BEJ C . 9.71 6.64 9.18
N3 A1BEJ C . 9.63 5.37 9.59
C7 A1BEJ C . 8.47 4.95 10.22
C8 A1BEJ C . 8.45 3.64 10.77
F1 A1BEJ C . 9.47 2.83 10.50
C9 A1BEJ C . 7.37 3.16 11.51
C10 A1BEJ C . 6.29 4.02 11.74
CL1 A1BEJ C . 4.97 3.52 12.72
C11 A1BEJ C . 6.26 5.26 11.18
C12 A1BEJ C . 7.32 5.75 10.39
C13 A1BEJ C . 7.41 7.05 9.80
C14 A1BEJ C . 8.60 7.51 9.23
N4 A1BEJ C . 8.42 8.81 8.76
C15 A1BEJ C . 7.16 9.08 9.01
N5 A1BEJ C . 6.49 8.06 9.65
C16 A1BEJ C . 5.07 7.89 9.75
C17 A1BEJ C . 4.09 8.69 8.83
C18 A1BEJ C . 4.55 8.36 7.41
N6 A1BEJ C . 4.83 6.94 7.58
C19 A1BEJ C . 4.39 6.70 8.97
C20 A1BEJ C . 3.09 7.53 9.04
C21 A1BEJ C . 7.34 1.75 12.01
C22 A1BEJ C . 7.55 1.47 13.34
C23 A1BEJ C . 7.45 0.20 13.87
C24 A1BEJ C . 7.15 -0.86 13.05
C25 A1BEJ C . 6.92 -0.64 11.66
C26 A1BEJ C . 6.59 -1.73 10.79
C27 A1BEJ C . 6.30 -1.52 9.48
C28 A1BEJ C . 6.41 -0.24 8.92
C29 A1BEJ C . 6.75 0.82 9.72
C30 A1BEJ C . 7.00 0.67 11.12
MG MG D . -3.05 10.28 5.38
#